data_4X9M
#
_entry.id   4X9M
#
_cell.length_a   111.590
_cell.length_b   111.590
_cell.length_c   111.590
_cell.angle_alpha   90.00
_cell.angle_beta   90.00
_cell.angle_gamma   90.00
#
_symmetry.space_group_name_H-M   'P 2 3'
#
loop_
_entity.id
_entity.type
_entity.pdbx_description
1 polymer 'L-alpha-glycerophosphate oxidase'
2 non-polymer 'FLAVIN-ADENINE DINUCLEOTIDE'
3 non-polymer 'NICKEL (II) ION'
4 non-polymer SN-GLYCEROL-3-PHOSPHATE
5 water water
#
_entity_poly.entity_id   1
_entity_poly.type   'polypeptide(L)'
_entity_poly.pdbx_seq_one_letter_code
;MGSSHHHHHHSSGLVPRGSHMASMTGGQQMGRGSMETRDVLIVGGGVIGCATAYELSQYKLKVTLVEKHHYLAQETSHAN
SGVIHTGIDPNPHKLTAKYNILGKKLWLNTYFKRLGFPRQKIRTLIVAFNEMEREQLEVLKQRGIANQINLEDIQMLSKE
ETLKLEPYVNPEIVAGLKIEGSWAIDPVLASKCLALAAQQNKVQICTNTEVTNISKQVDGTYLVWTNNETTPSFKVKKII
DAAGHYADYLAHLAKADDFEQTTRRGQYVVVTNQGELHLNSMVFMVPTIHGKGVIVSPMLDGNFLVGPTALDGVDKEATR
YITKDAPCMLTKIGKHMVPSLNINNALISFAGSRPIDKATNDFIIRVAHNDPDFVILGGMKSPGLTAAPAIVREAVRLLN
WKLTKKPNWNGKYNLPWI
;
_entity_poly.pdbx_strand_id   A
#
# COMPACT_ATOMS: atom_id res chain seq x y z
N MET A 35 -4.34 -19.10 -26.89
CA MET A 35 -3.28 -18.08 -26.65
C MET A 35 -3.73 -16.68 -27.06
N GLU A 36 -3.79 -15.77 -26.07
CA GLU A 36 -4.14 -14.37 -26.32
C GLU A 36 -2.86 -13.64 -26.68
N THR A 37 -2.88 -12.92 -27.79
CA THR A 37 -1.84 -11.94 -28.08
C THR A 37 -2.29 -10.57 -27.50
N ARG A 38 -1.44 -9.87 -26.77
CA ARG A 38 -1.83 -8.59 -26.15
C ARG A 38 -0.62 -7.67 -26.02
N ASP A 39 -0.86 -6.39 -25.78
CA ASP A 39 0.22 -5.45 -25.68
C ASP A 39 0.92 -5.57 -24.33
N VAL A 40 0.13 -5.55 -23.25
CA VAL A 40 0.66 -5.45 -21.87
C VAL A 40 0.03 -6.55 -20.98
N LEU A 41 0.84 -7.38 -20.35
CA LEU A 41 0.34 -8.24 -19.27
C LEU A 41 0.76 -7.68 -17.92
N ILE A 42 -0.20 -7.45 -17.05
CA ILE A 42 0.09 -6.92 -15.73
C ILE A 42 -0.03 -8.09 -14.83
N VAL A 43 1.01 -8.41 -14.10
CA VAL A 43 1.00 -9.56 -13.24
C VAL A 43 0.90 -9.12 -11.80
N GLY A 44 -0.20 -9.51 -11.18
CA GLY A 44 -0.50 -9.21 -9.79
C GLY A 44 -1.71 -8.30 -9.74
N GLY A 45 -2.68 -8.66 -8.91
CA GLY A 45 -3.85 -7.86 -8.70
C GLY A 45 -4.01 -7.27 -7.31
N GLY A 46 -2.91 -6.86 -6.69
CA GLY A 46 -2.99 -6.02 -5.52
C GLY A 46 -3.33 -4.60 -6.00
N VAL A 47 -3.27 -3.65 -5.10
CA VAL A 47 -3.49 -2.29 -5.46
C VAL A 47 -2.55 -1.76 -6.57
N ILE A 48 -1.29 -2.24 -6.64
CA ILE A 48 -0.39 -1.72 -7.64
C ILE A 48 -0.88 -2.22 -9.01
N GLY A 49 -1.11 -3.51 -9.14
CA GLY A 49 -1.64 -4.06 -10.38
C GLY A 49 -2.95 -3.44 -10.78
N CYS A 50 -3.85 -3.25 -9.83
CA CYS A 50 -5.14 -2.66 -10.15
C CYS A 50 -5.06 -1.21 -10.63
N ALA A 51 -4.32 -0.38 -9.94
CA ALA A 51 -4.18 1.00 -10.36
C ALA A 51 -3.46 1.10 -11.74
N THR A 52 -2.55 0.18 -12.01
CA THR A 52 -1.90 0.11 -13.29
C THR A 52 -2.92 -0.17 -14.37
N ALA A 53 -3.83 -1.12 -14.12
CA ALA A 53 -4.85 -1.47 -15.09
C ALA A 53 -5.72 -0.29 -15.38
N TYR A 54 -6.11 0.41 -14.32
CA TYR A 54 -6.90 1.67 -14.43
C TYR A 54 -6.20 2.70 -15.30
N GLU A 55 -4.93 2.98 -15.05
CA GLU A 55 -4.20 3.98 -15.83
C GLU A 55 -4.09 3.61 -17.30
N LEU A 56 -3.78 2.35 -17.60
CA LEU A 56 -3.64 1.90 -18.96
C LEU A 56 -4.96 1.79 -19.69
N SER A 57 -6.06 1.68 -18.95
CA SER A 57 -7.35 1.55 -19.61
C SER A 57 -7.73 2.82 -20.36
N GLN A 58 -7.05 3.93 -20.11
CA GLN A 58 -7.32 5.18 -20.87
C GLN A 58 -6.64 5.24 -22.22
N TYR A 59 -5.80 4.25 -22.53
CA TYR A 59 -5.16 4.20 -23.83
C TYR A 59 -5.73 3.13 -24.76
N LYS A 60 -5.46 3.33 -26.05
CA LYS A 60 -5.78 2.34 -27.08
C LYS A 60 -4.73 1.24 -27.02
N LEU A 61 -5.05 0.13 -26.37
CA LEU A 61 -4.08 -0.93 -26.11
C LEU A 61 -4.85 -2.12 -25.70
N LYS A 62 -4.26 -3.25 -26.00
CA LYS A 62 -4.73 -4.51 -25.55
C LYS A 62 -4.02 -4.86 -24.24
N VAL A 63 -4.78 -4.79 -23.14
CA VAL A 63 -4.19 -5.00 -21.83
C VAL A 63 -4.82 -6.17 -21.07
N THR A 64 -4.03 -6.99 -20.41
CA THR A 64 -4.61 -8.02 -19.53
C THR A 64 -3.93 -8.02 -18.17
N LEU A 65 -4.72 -8.19 -17.13
CA LEU A 65 -4.17 -8.30 -15.79
C LEU A 65 -4.42 -9.69 -15.29
N VAL A 66 -3.40 -10.31 -14.71
CA VAL A 66 -3.53 -11.66 -14.17
C VAL A 66 -3.24 -11.69 -12.65
N GLU A 67 -4.09 -12.40 -11.91
CA GLU A 67 -4.01 -12.58 -10.47
C GLU A 67 -4.16 -14.07 -10.20
N LYS A 68 -3.30 -14.63 -9.35
CA LYS A 68 -3.37 -16.04 -9.06
C LYS A 68 -4.57 -16.42 -8.16
N HIS A 69 -4.96 -15.58 -7.23
CA HIS A 69 -6.12 -15.81 -6.34
C HIS A 69 -7.45 -15.72 -7.12
N HIS A 70 -8.54 -16.26 -6.58
CA HIS A 70 -9.85 -16.18 -7.21
CA HIS A 70 -9.89 -16.16 -7.17
C HIS A 70 -10.34 -14.70 -7.18
N TYR A 71 -9.90 -13.94 -6.18
CA TYR A 71 -10.30 -12.54 -6.06
C TYR A 71 -9.11 -11.58 -5.99
N LEU A 72 -9.33 -10.33 -6.40
CA LEU A 72 -8.31 -9.30 -6.31
C LEU A 72 -8.10 -8.80 -4.89
N ALA A 73 -6.92 -8.25 -4.67
CA ALA A 73 -6.53 -7.64 -3.37
C ALA A 73 -6.66 -8.55 -2.14
N GLN A 74 -6.20 -9.80 -2.24
CA GLN A 74 -6.26 -10.74 -1.12
CA GLN A 74 -6.25 -10.65 -1.09
C GLN A 74 -4.92 -10.76 -0.32
N GLU A 75 -3.89 -10.05 -0.73
CA GLU A 75 -2.58 -10.24 -0.07
C GLU A 75 -2.14 -8.96 0.68
N THR A 76 -1.03 -8.35 0.30
CA THR A 76 -0.54 -7.23 1.08
C THR A 76 -1.55 -6.10 1.07
N SER A 77 -2.20 -5.92 -0.05
CA SER A 77 -3.12 -4.81 -0.19
C SER A 77 -4.41 -5.07 0.59
N HIS A 78 -4.60 -6.30 1.07
CA HIS A 78 -5.69 -6.58 2.05
C HIS A 78 -5.23 -6.30 3.50
N ALA A 79 -3.99 -6.60 3.85
CA ALA A 79 -3.54 -6.59 5.22
C ALA A 79 -2.60 -5.43 5.54
N ASN A 80 -3.19 -4.24 5.62
CA ASN A 80 -2.49 -3.00 5.91
C ASN A 80 -3.47 -2.10 6.55
N SER A 81 -3.02 -0.94 6.98
CA SER A 81 -3.84 -0.09 7.80
C SER A 81 -4.61 0.93 6.98
N GLY A 82 -4.46 0.97 5.66
CA GLY A 82 -5.29 1.85 4.84
C GLY A 82 -4.98 3.32 4.92
N VAL A 83 -3.83 3.69 5.43
CA VAL A 83 -3.58 5.09 5.68
C VAL A 83 -2.93 5.74 4.48
N ILE A 84 -3.51 6.88 4.08
CA ILE A 84 -2.91 7.79 3.14
C ILE A 84 -1.98 8.73 3.95
N HIS A 85 -0.71 8.38 3.97
CA HIS A 85 0.28 9.09 4.80
C HIS A 85 0.63 10.50 4.29
N THR A 86 0.82 11.41 5.23
CA THR A 86 1.20 12.76 4.97
C THR A 86 2.58 12.99 4.35
N GLY A 87 3.53 12.12 4.64
CA GLY A 87 4.90 12.33 4.20
C GLY A 87 5.80 12.75 5.34
N ILE A 88 5.27 12.81 6.56
CA ILE A 88 6.10 13.14 7.73
C ILE A 88 7.22 12.10 7.99
N ASP A 89 6.96 10.87 7.57
CA ASP A 89 7.78 9.74 7.94
C ASP A 89 8.96 9.34 7.03
N PRO A 90 8.78 9.26 5.69
CA PRO A 90 9.83 8.61 4.93
C PRO A 90 11.09 9.47 4.64
N ASN A 91 12.23 8.81 4.64
CA ASN A 91 13.45 9.51 4.35
C ASN A 91 13.29 10.33 3.02
N PRO A 92 13.49 11.65 3.10
CA PRO A 92 13.26 12.50 1.93
C PRO A 92 14.17 12.22 0.74
N HIS A 93 15.24 11.45 0.92
CA HIS A 93 16.16 11.09 -0.16
C HIS A 93 15.83 9.80 -0.85
N LYS A 94 14.77 9.12 -0.42
CA LYS A 94 14.39 7.84 -1.00
C LYS A 94 13.16 7.93 -1.89
N LEU A 95 12.96 6.93 -2.75
CA LEU A 95 11.76 6.82 -3.57
C LEU A 95 10.50 6.70 -2.76
N THR A 96 10.60 6.09 -1.56
CA THR A 96 9.45 6.12 -0.65
C THR A 96 8.92 7.55 -0.43
N ALA A 97 9.79 8.52 -0.17
CA ALA A 97 9.30 9.86 0.04
C ALA A 97 8.79 10.44 -1.25
N LYS A 98 9.59 10.30 -2.28
CA LYS A 98 9.25 10.92 -3.58
C LYS A 98 7.84 10.56 -4.11
N TYR A 99 7.58 9.25 -4.15
CA TYR A 99 6.29 8.74 -4.56
C TYR A 99 5.14 8.91 -3.55
N ASN A 100 5.44 9.07 -2.26
CA ASN A 100 4.48 9.42 -1.22
C ASN A 100 3.87 10.75 -1.58
N ILE A 101 4.74 11.69 -1.89
CA ILE A 101 4.36 13.06 -2.15
C ILE A 101 3.48 13.18 -3.36
N LEU A 102 3.92 12.64 -4.46
CA LEU A 102 3.18 12.61 -5.73
C LEU A 102 1.90 11.80 -5.60
N GLY A 103 2.02 10.63 -4.96
CA GLY A 103 0.95 9.66 -4.82
C GLY A 103 -0.22 10.22 -4.09
N LYS A 104 0.03 10.80 -2.92
CA LYS A 104 -1.03 11.45 -2.14
C LYS A 104 -1.77 12.57 -2.86
N LYS A 105 -1.05 13.43 -3.58
CA LYS A 105 -1.71 14.49 -4.35
C LYS A 105 -2.65 13.91 -5.35
N LEU A 106 -2.22 12.83 -6.02
CA LEU A 106 -3.02 12.16 -6.99
C LEU A 106 -4.22 11.54 -6.37
N TRP A 107 -4.10 10.93 -5.22
CA TRP A 107 -5.30 10.33 -4.63
C TRP A 107 -6.32 11.43 -4.31
N LEU A 108 -5.85 12.52 -3.70
CA LEU A 108 -6.79 13.55 -3.19
C LEU A 108 -7.37 14.41 -4.28
N ASN A 109 -6.58 14.80 -5.26
CA ASN A 109 -7.01 15.77 -6.24
C ASN A 109 -7.39 15.15 -7.57
N THR A 110 -7.18 13.85 -7.73
CA THR A 110 -7.63 13.19 -8.95
C THR A 110 -8.44 11.95 -8.77
N TYR A 111 -7.93 10.96 -8.02
CA TYR A 111 -8.62 9.69 -7.85
C TYR A 111 -9.87 9.79 -6.97
N PHE A 112 -9.82 10.52 -5.87
CA PHE A 112 -11.00 10.68 -5.04
C PHE A 112 -12.16 11.42 -5.80
N LYS A 113 -11.85 12.28 -6.78
CA LYS A 113 -12.91 13.00 -7.51
C LYS A 113 -13.60 12.06 -8.48
N ARG A 114 -12.97 10.96 -8.85
CA ARG A 114 -13.51 10.11 -9.89
C ARG A 114 -14.04 8.77 -9.42
N LEU A 115 -13.39 8.26 -8.38
CA LEU A 115 -13.69 6.94 -7.87
C LEU A 115 -14.36 6.96 -6.52
N GLY A 116 -15.47 6.28 -6.41
CA GLY A 116 -16.16 6.22 -5.12
C GLY A 116 -15.85 4.91 -4.40
N PHE A 117 -15.34 5.03 -3.18
CA PHE A 117 -15.11 3.90 -2.30
C PHE A 117 -14.94 4.48 -0.88
N PRO A 118 -15.14 3.68 0.16
CA PRO A 118 -15.04 4.30 1.50
C PRO A 118 -13.66 4.92 1.87
N ARG A 119 -13.70 6.09 2.50
CA ARG A 119 -12.51 6.73 2.95
C ARG A 119 -12.94 7.79 3.92
N GLN A 120 -12.01 8.30 4.74
CA GLN A 120 -12.34 9.52 5.52
C GLN A 120 -11.11 10.36 5.82
N LYS A 121 -11.30 11.66 5.97
CA LYS A 121 -10.17 12.50 6.35
C LYS A 121 -9.94 12.35 7.85
N ILE A 122 -8.71 12.03 8.28
CA ILE A 122 -8.42 11.88 9.67
C ILE A 122 -6.96 12.16 9.96
N ARG A 123 -6.70 13.09 10.87
CA ARG A 123 -5.33 13.57 11.12
C ARG A 123 -4.42 12.56 11.82
N THR A 124 -3.12 12.83 11.73
CA THR A 124 -2.11 11.95 12.27
C THR A 124 -1.62 12.54 13.59
N LEU A 125 -1.50 11.72 14.63
CA LEU A 125 -0.84 12.16 15.87
C LEU A 125 0.25 11.20 16.28
N ILE A 126 1.47 11.69 16.39
CA ILE A 126 2.58 10.86 16.87
C ILE A 126 2.93 11.30 18.27
N VAL A 127 3.08 10.34 19.16
CA VAL A 127 3.23 10.65 20.55
C VAL A 127 4.60 10.16 21.02
N ALA A 128 5.21 10.95 21.93
CA ALA A 128 6.48 10.67 22.52
C ALA A 128 6.31 10.34 24.03
N PHE A 129 7.10 9.38 24.53
CA PHE A 129 7.05 8.97 25.94
C PHE A 129 8.21 9.41 26.83
N ASN A 130 9.22 10.08 26.28
CA ASN A 130 10.36 10.53 27.11
C ASN A 130 11.09 11.55 26.29
N GLU A 131 12.21 12.08 26.77
CA GLU A 131 12.93 13.15 26.08
C GLU A 131 13.62 12.68 24.82
N MET A 132 14.06 11.45 24.80
CA MET A 132 14.66 10.95 23.59
C MET A 132 13.57 10.86 22.51
N GLU A 133 12.39 10.33 22.85
CA GLU A 133 11.33 10.30 21.81
C GLU A 133 10.91 11.71 21.43
N ARG A 134 10.91 12.63 22.41
CA ARG A 134 10.59 14.02 22.12
C ARG A 134 11.50 14.63 21.06
N GLU A 135 12.81 14.36 21.05
CA GLU A 135 13.65 15.03 20.00
C GLU A 135 13.48 14.36 18.64
N GLN A 136 13.06 13.10 18.66
CA GLN A 136 12.62 12.41 17.45
C GLN A 136 11.46 13.11 16.79
N LEU A 137 10.55 13.68 17.58
CA LEU A 137 9.46 14.50 17.01
C LEU A 137 9.96 15.70 16.25
N GLU A 138 10.99 16.33 16.79
CA GLU A 138 11.59 17.50 16.12
C GLU A 138 12.23 17.09 14.78
N VAL A 139 12.89 15.95 14.80
CA VAL A 139 13.42 15.37 13.57
C VAL A 139 12.33 15.06 12.59
N LEU A 140 11.28 14.40 13.05
CA LEU A 140 10.15 14.14 12.15
C LEU A 140 9.55 15.40 11.57
N LYS A 141 9.34 16.42 12.41
CA LYS A 141 8.87 17.69 11.87
C LYS A 141 9.71 18.11 10.67
N GLN A 142 11.05 18.03 10.80
CA GLN A 142 11.92 18.53 9.76
C GLN A 142 11.80 17.70 8.53
N ARG A 143 11.59 16.44 8.71
CA ARG A 143 11.43 15.55 7.60
C ARG A 143 10.22 15.92 6.80
N GLY A 144 9.17 16.35 7.48
CA GLY A 144 7.87 16.64 6.84
C GLY A 144 8.00 17.86 5.98
N ILE A 145 8.66 18.86 6.53
CA ILE A 145 9.00 20.04 5.79
C ILE A 145 9.92 19.75 4.58
N ALA A 146 10.90 18.90 4.77
CA ALA A 146 11.74 18.51 3.62
C ALA A 146 10.92 17.79 2.53
N ASN A 147 9.89 17.06 2.94
CA ASN A 147 8.94 16.38 2.05
C ASN A 147 7.75 17.27 1.71
N GLN A 148 7.91 18.58 1.90
CA GLN A 148 7.03 19.60 1.33
C GLN A 148 5.67 19.81 1.99
N ILE A 149 5.52 19.31 3.21
CA ILE A 149 4.34 19.55 4.00
C ILE A 149 4.38 21.03 4.39
N ASN A 150 3.31 21.77 4.09
CA ASN A 150 3.17 23.16 4.51
C ASN A 150 3.18 23.27 6.00
N LEU A 151 3.76 24.36 6.49
CA LEU A 151 3.83 24.63 7.92
C LEU A 151 2.49 24.61 8.64
N GLU A 152 1.44 25.09 7.97
CA GLU A 152 0.11 25.18 8.59
C GLU A 152 -0.45 23.77 8.94
N ASP A 153 0.06 22.72 8.32
CA ASP A 153 -0.40 21.34 8.59
C ASP A 153 0.29 20.67 9.78
N ILE A 154 1.40 21.23 10.24
CA ILE A 154 2.22 20.60 11.27
C ILE A 154 2.07 21.41 12.56
N GLN A 155 1.95 20.73 13.69
CA GLN A 155 1.92 21.43 14.95
C GLN A 155 2.52 20.59 16.04
N MET A 156 3.63 21.03 16.62
CA MET A 156 4.17 20.42 17.83
C MET A 156 3.30 20.82 19.04
N LEU A 157 2.98 19.83 19.86
CA LEU A 157 2.13 19.96 21.02
C LEU A 157 2.81 19.49 22.31
N SER A 158 2.50 20.22 23.37
CA SER A 158 2.96 19.89 24.72
C SER A 158 2.10 18.76 25.21
N LYS A 159 2.49 18.25 26.37
CA LYS A 159 1.82 17.19 27.05
C LYS A 159 0.40 17.60 27.21
N GLU A 160 0.21 18.75 27.82
CA GLU A 160 -1.09 19.28 28.13
C GLU A 160 -1.93 19.43 26.83
N GLU A 161 -1.36 19.98 25.77
CA GLU A 161 -2.15 20.22 24.56
C GLU A 161 -2.58 18.90 23.89
N THR A 162 -1.71 17.91 23.94
CA THR A 162 -1.96 16.61 23.33
C THR A 162 -3.12 15.94 24.00
N LEU A 163 -3.12 15.98 25.34
CA LEU A 163 -4.17 15.33 26.15
C LEU A 163 -5.49 16.07 26.09
N LYS A 164 -5.43 17.35 25.80
CA LYS A 164 -6.64 18.11 25.49
C LYS A 164 -7.24 17.61 24.18
N LEU A 165 -6.44 17.56 23.14
CA LEU A 165 -6.93 17.02 21.86
C LEU A 165 -7.45 15.58 21.86
N GLU A 166 -6.76 14.74 22.60
CA GLU A 166 -7.09 13.33 22.67
C GLU A 166 -7.04 12.87 24.11
N PRO A 167 -8.14 13.08 24.84
CA PRO A 167 -8.20 12.78 26.27
C PRO A 167 -7.97 11.30 26.64
N TYR A 168 -8.05 10.39 25.66
CA TYR A 168 -7.88 8.97 25.96
C TYR A 168 -6.47 8.44 25.73
N VAL A 169 -5.57 9.30 25.30
CA VAL A 169 -4.16 8.90 25.16
C VAL A 169 -3.45 8.70 26.52
N ASN A 170 -2.42 7.87 26.52
CA ASN A 170 -1.64 7.68 27.74
C ASN A 170 -1.21 9.01 28.39
N PRO A 171 -1.60 9.27 29.66
CA PRO A 171 -1.17 10.51 30.31
C PRO A 171 0.35 10.59 30.57
N GLU A 172 1.06 9.47 30.54
CA GLU A 172 2.52 9.48 30.71
C GLU A 172 3.30 9.93 29.46
N ILE A 173 2.60 10.30 28.39
CA ILE A 173 3.29 10.90 27.25
C ILE A 173 3.80 12.25 27.68
N VAL A 174 4.86 12.72 27.04
CA VAL A 174 5.45 14.03 27.29
C VAL A 174 5.20 15.03 26.19
N ALA A 175 4.80 14.58 25.02
CA ALA A 175 4.69 15.47 23.85
C ALA A 175 3.99 14.78 22.70
N GLY A 176 3.54 15.57 21.75
CA GLY A 176 2.89 15.07 20.57
C GLY A 176 3.17 15.89 19.33
N LEU A 177 2.98 15.28 18.18
CA LEU A 177 3.12 15.98 16.90
C LEU A 177 1.90 15.67 16.05
N LYS A 178 1.14 16.71 15.73
CA LYS A 178 -0.09 16.55 14.97
C LYS A 178 0.12 17.01 13.53
N ILE A 179 -0.31 16.18 12.58
CA ILE A 179 -0.23 16.54 11.19
C ILE A 179 -1.57 16.33 10.52
N GLU A 180 -2.12 17.42 9.98
CA GLU A 180 -3.35 17.40 9.24
C GLU A 180 -3.00 16.94 7.84
N GLY A 181 -3.95 16.28 7.19
CA GLY A 181 -3.86 16.01 5.78
C GLY A 181 -3.97 14.54 5.43
N SER A 182 -3.80 13.66 6.41
CA SER A 182 -3.91 12.23 6.16
C SER A 182 -5.38 11.83 6.03
N TRP A 183 -5.58 10.67 5.40
CA TRP A 183 -6.86 10.07 5.17
C TRP A 183 -6.74 8.59 5.53
N ALA A 184 -7.87 7.93 5.62
CA ALA A 184 -7.89 6.48 5.77
C ALA A 184 -8.90 5.96 4.73
N ILE A 185 -8.55 4.90 4.02
CA ILE A 185 -9.38 4.37 2.98
C ILE A 185 -9.53 2.87 3.23
N ASP A 186 -10.52 2.25 2.61
CA ASP A 186 -10.55 0.79 2.57
C ASP A 186 -9.74 0.37 1.37
N PRO A 187 -8.57 -0.20 1.59
CA PRO A 187 -7.69 -0.47 0.45
C PRO A 187 -8.18 -1.59 -0.44
N VAL A 188 -8.95 -2.51 0.14
CA VAL A 188 -9.56 -3.57 -0.64
C VAL A 188 -10.62 -3.03 -1.59
N LEU A 189 -11.58 -2.27 -1.05
CA LEU A 189 -12.64 -1.67 -1.88
C LEU A 189 -12.08 -0.71 -2.92
N ALA A 190 -10.98 -0.06 -2.57
CA ALA A 190 -10.30 0.87 -3.52
C ALA A 190 -9.62 0.13 -4.69
N SER A 191 -8.91 -0.96 -4.35
CA SER A 191 -8.31 -1.79 -5.36
C SER A 191 -9.37 -2.39 -6.28
N LYS A 192 -10.51 -2.83 -5.72
CA LYS A 192 -11.51 -3.41 -6.58
C LYS A 192 -12.20 -2.39 -7.50
N CYS A 193 -12.47 -1.21 -6.96
CA CYS A 193 -13.00 -0.09 -7.71
C CYS A 193 -12.15 0.27 -8.91
N LEU A 194 -10.84 0.23 -8.72
CA LEU A 194 -9.89 0.57 -9.75
C LEU A 194 -9.97 -0.45 -10.84
N ALA A 195 -10.04 -1.71 -10.44
CA ALA A 195 -10.08 -2.81 -11.38
C ALA A 195 -11.37 -2.82 -12.16
N LEU A 196 -12.50 -2.75 -11.46
CA LEU A 196 -13.78 -2.63 -12.14
C LEU A 196 -13.74 -1.44 -13.13
N ALA A 197 -13.17 -0.30 -12.72
CA ALA A 197 -13.12 0.85 -13.62
C ALA A 197 -12.35 0.52 -14.88
N ALA A 198 -11.18 -0.12 -14.70
CA ALA A 198 -10.34 -0.57 -15.80
C ALA A 198 -11.13 -1.52 -16.68
N GLN A 199 -11.80 -2.47 -16.04
CA GLN A 199 -12.51 -3.52 -16.74
C GLN A 199 -13.61 -2.90 -17.62
N GLN A 200 -14.23 -1.86 -17.13
CA GLN A 200 -15.22 -1.13 -17.88
C GLN A 200 -14.64 -0.42 -19.09
N ASN A 201 -13.32 -0.23 -19.14
CA ASN A 201 -12.69 0.42 -20.27
C ASN A 201 -11.78 -0.58 -20.98
N LYS A 202 -12.27 -1.82 -21.14
CA LYS A 202 -11.67 -2.87 -21.97
C LYS A 202 -10.39 -3.56 -21.51
N VAL A 203 -9.98 -3.36 -20.28
CA VAL A 203 -8.92 -4.14 -19.73
C VAL A 203 -9.48 -5.54 -19.32
N GLN A 204 -8.79 -6.60 -19.73
CA GLN A 204 -9.14 -7.97 -19.44
C GLN A 204 -8.55 -8.34 -18.06
N ILE A 205 -9.40 -8.77 -17.13
CA ILE A 205 -8.98 -9.18 -15.79
C ILE A 205 -9.07 -10.71 -15.64
N CYS A 206 -7.96 -11.43 -15.52
CA CYS A 206 -8.06 -12.89 -15.40
C CYS A 206 -7.61 -13.37 -14.03
N THR A 207 -8.53 -13.88 -13.24
CA THR A 207 -8.23 -14.36 -11.91
C THR A 207 -7.98 -15.88 -11.97
N ASN A 208 -7.68 -16.50 -10.83
CA ASN A 208 -7.19 -17.89 -10.80
C ASN A 208 -6.24 -18.16 -11.91
N THR A 209 -5.36 -17.20 -12.18
CA THR A 209 -4.40 -17.32 -13.25
C THR A 209 -3.03 -16.98 -12.70
N GLU A 210 -2.22 -18.00 -12.43
CA GLU A 210 -0.91 -17.82 -11.80
C GLU A 210 0.14 -17.96 -12.88
N VAL A 211 1.01 -16.96 -13.05
CA VAL A 211 2.12 -17.08 -13.97
C VAL A 211 3.19 -18.03 -13.45
N THR A 212 3.48 -19.06 -14.24
CA THR A 212 4.38 -20.14 -13.84
C THR A 212 5.56 -20.23 -14.74
N ASN A 213 5.46 -19.68 -15.94
CA ASN A 213 6.67 -19.48 -16.70
C ASN A 213 6.55 -18.30 -17.67
N ILE A 214 7.69 -17.69 -17.94
CA ILE A 214 7.80 -16.61 -18.90
C ILE A 214 9.06 -16.83 -19.73
N SER A 215 8.96 -16.67 -21.05
CA SER A 215 10.12 -16.72 -21.94
C SER A 215 10.11 -15.63 -23.00
N LYS A 216 11.15 -14.80 -23.02
CA LYS A 216 11.29 -13.79 -24.07
C LYS A 216 11.74 -14.41 -25.40
N GLN A 217 11.08 -14.00 -26.49
CA GLN A 217 11.29 -14.59 -27.79
C GLN A 217 12.34 -13.83 -28.54
N VAL A 218 13.03 -14.57 -29.42
CA VAL A 218 13.77 -14.05 -30.56
C VAL A 218 13.13 -12.75 -31.11
N ASP A 219 11.83 -12.78 -31.44
CA ASP A 219 11.14 -11.59 -31.99
C ASP A 219 10.79 -10.46 -30.98
N GLY A 220 11.23 -10.56 -29.71
CA GLY A 220 11.00 -9.49 -28.73
C GLY A 220 9.81 -9.56 -27.76
N THR A 221 8.81 -10.36 -28.10
CA THR A 221 7.64 -10.58 -27.31
C THR A 221 7.91 -11.64 -26.24
N TYR A 222 7.02 -11.77 -25.27
CA TYR A 222 7.13 -12.86 -24.31
C TYR A 222 6.03 -13.86 -24.57
N LEU A 223 6.36 -15.14 -24.40
CA LEU A 223 5.32 -16.15 -24.17
C LEU A 223 5.17 -16.33 -22.68
N VAL A 224 3.93 -16.52 -22.23
CA VAL A 224 3.67 -16.68 -20.80
C VAL A 224 2.79 -17.88 -20.57
N TRP A 225 3.25 -18.79 -19.73
CA TRP A 225 2.50 -19.96 -19.30
C TRP A 225 1.85 -19.69 -17.94
N THR A 226 0.61 -20.14 -17.75
CA THR A 226 -0.08 -19.98 -16.49
C THR A 226 -0.49 -21.31 -15.95
N ASN A 227 -0.66 -21.38 -14.61
CA ASN A 227 -1.06 -22.58 -13.86
C ASN A 227 -0.37 -23.89 -14.27
N ASN A 228 0.89 -23.79 -14.68
CA ASN A 228 1.69 -24.94 -15.20
C ASN A 228 1.12 -25.64 -16.41
N GLU A 229 0.23 -25.00 -17.14
CA GLU A 229 -0.28 -25.59 -18.36
C GLU A 229 0.91 -25.83 -19.31
N THR A 230 0.69 -26.70 -20.28
CA THR A 230 1.72 -27.17 -21.17
C THR A 230 2.08 -26.11 -22.18
N THR A 231 1.06 -25.51 -22.81
CA THR A 231 1.26 -24.47 -23.81
C THR A 231 0.99 -23.10 -23.22
N PRO A 232 1.54 -22.06 -23.82
CA PRO A 232 1.38 -20.69 -23.30
C PRO A 232 -0.03 -20.19 -23.44
N SER A 233 -0.46 -19.35 -22.49
CA SER A 233 -1.76 -18.68 -22.52
C SER A 233 -1.65 -17.28 -23.12
N PHE A 234 -0.45 -16.68 -23.09
CA PHE A 234 -0.30 -15.29 -23.58
C PHE A 234 0.97 -15.06 -24.35
N LYS A 235 0.87 -14.11 -25.28
CA LYS A 235 1.99 -13.59 -26.04
C LYS A 235 1.87 -12.08 -25.96
N VAL A 236 2.87 -11.43 -25.40
CA VAL A 236 2.71 -10.02 -25.07
C VAL A 236 3.99 -9.26 -25.31
N LYS A 237 3.83 -7.95 -25.49
CA LYS A 237 4.97 -7.11 -25.82
C LYS A 237 5.69 -6.56 -24.61
N LYS A 238 4.95 -6.43 -23.50
CA LYS A 238 5.46 -5.86 -22.26
C LYS A 238 4.87 -6.61 -21.03
N ILE A 239 5.68 -6.84 -20.01
CA ILE A 239 5.17 -7.32 -18.76
C ILE A 239 5.42 -6.28 -17.69
N ILE A 240 4.38 -5.97 -16.93
CA ILE A 240 4.47 -5.14 -15.76
C ILE A 240 4.34 -6.07 -14.57
N ASP A 241 5.46 -6.20 -13.86
CA ASP A 241 5.61 -7.07 -12.71
C ASP A 241 5.13 -6.36 -11.43
N ALA A 242 3.91 -6.67 -10.96
CA ALA A 242 3.37 -6.10 -9.73
C ALA A 242 2.93 -7.20 -8.72
N ALA A 243 3.83 -8.15 -8.53
CA ALA A 243 3.49 -9.39 -7.90
C ALA A 243 3.82 -9.44 -6.42
N GLY A 244 4.03 -8.29 -5.80
CA GLY A 244 4.15 -8.22 -4.33
C GLY A 244 5.34 -9.02 -3.84
N HIS A 245 5.10 -10.00 -3.00
CA HIS A 245 6.18 -10.86 -2.49
C HIS A 245 6.82 -11.76 -3.53
N TYR A 246 6.17 -11.92 -4.69
CA TYR A 246 6.77 -12.65 -5.79
C TYR A 246 7.25 -11.75 -6.92
N ALA A 247 7.30 -10.44 -6.70
CA ALA A 247 7.85 -9.57 -7.74
C ALA A 247 9.31 -9.96 -8.10
N ASP A 248 10.10 -10.40 -7.12
CA ASP A 248 11.49 -10.86 -7.37
C ASP A 248 11.50 -12.18 -8.10
N TYR A 249 10.70 -13.13 -7.61
CA TYR A 249 10.57 -14.42 -8.25
C TYR A 249 10.26 -14.26 -9.71
N LEU A 250 9.33 -13.38 -10.03
CA LEU A 250 8.89 -13.24 -11.39
C LEU A 250 9.98 -12.72 -12.31
N ALA A 251 10.78 -11.75 -11.85
CA ALA A 251 11.98 -11.31 -12.62
C ALA A 251 13.02 -12.39 -12.81
N HIS A 252 13.34 -13.14 -11.76
CA HIS A 252 14.24 -14.29 -11.92
C HIS A 252 13.70 -15.30 -12.95
N LEU A 253 12.38 -15.47 -13.00
CA LEU A 253 11.75 -16.43 -13.87
C LEU A 253 11.85 -16.02 -15.34
N ALA A 254 11.77 -14.71 -15.61
CA ALA A 254 11.98 -14.13 -16.91
C ALA A 254 13.44 -13.84 -17.22
N LYS A 255 14.32 -14.17 -16.28
CA LYS A 255 15.77 -13.99 -16.47
C LYS A 255 16.11 -12.54 -16.69
N ALA A 256 15.33 -11.66 -16.07
CA ALA A 256 15.35 -10.24 -16.38
C ALA A 256 16.15 -9.36 -15.38
N ASP A 257 16.12 -9.72 -14.09
CA ASP A 257 16.76 -8.93 -13.02
C ASP A 257 17.03 -9.89 -11.92
N ASP A 258 17.95 -9.59 -11.00
CA ASP A 258 18.19 -10.55 -9.91
C ASP A 258 18.10 -9.96 -8.49
N PHE A 259 17.33 -8.88 -8.36
CA PHE A 259 17.00 -8.33 -7.05
C PHE A 259 16.17 -9.33 -6.26
N GLU A 260 16.30 -9.23 -4.93
CA GLU A 260 15.66 -10.13 -4.00
C GLU A 260 14.94 -9.31 -2.94
N GLN A 261 13.80 -9.81 -2.48
CA GLN A 261 13.10 -9.20 -1.41
C GLN A 261 13.23 -10.05 -0.13
N THR A 262 13.15 -9.38 1.01
CA THR A 262 12.93 -10.03 2.26
C THR A 262 11.51 -9.60 2.74
N THR A 263 11.17 -9.91 4.00
CA THR A 263 9.86 -9.70 4.54
C THR A 263 9.88 -9.13 5.92
N ARG A 264 8.78 -8.47 6.27
CA ARG A 264 8.50 -8.07 7.67
C ARG A 264 7.04 -8.28 7.92
N ARG A 265 6.70 -9.27 8.72
CA ARG A 265 5.32 -9.63 8.91
C ARG A 265 4.78 -8.91 10.12
N GLY A 266 3.55 -8.36 9.96
CA GLY A 266 2.91 -7.62 10.99
C GLY A 266 1.53 -8.15 11.22
N GLN A 267 1.24 -8.45 12.49
CA GLN A 267 -0.10 -8.85 12.91
C GLN A 267 -0.83 -7.73 13.68
N TYR A 268 -2.14 -7.66 13.46
CA TYR A 268 -3.01 -6.65 13.99
C TYR A 268 -4.14 -7.30 14.79
N VAL A 269 -4.79 -6.53 15.62
CA VAL A 269 -6.10 -6.93 16.13
C VAL A 269 -7.09 -5.76 15.95
N VAL A 270 -8.36 -6.08 15.72
CA VAL A 270 -9.44 -5.12 15.66
C VAL A 270 -10.30 -5.29 16.91
N VAL A 271 -10.53 -4.21 17.66
CA VAL A 271 -11.31 -4.31 18.86
C VAL A 271 -12.54 -3.43 18.79
N THR A 272 -13.52 -3.75 19.61
CA THR A 272 -14.78 -3.05 19.59
C THR A 272 -15.33 -2.84 20.99
N ASN A 273 -16.50 -2.21 21.08
CA ASN A 273 -17.21 -1.98 22.36
C ASN A 273 -16.31 -1.43 23.42
N GLN A 274 -15.78 -0.23 23.16
CA GLN A 274 -14.85 0.39 24.09
C GLN A 274 -15.53 1.49 24.84
N GLY A 275 -16.85 1.45 24.92
CA GLY A 275 -17.56 2.39 25.81
C GLY A 275 -17.50 3.84 25.37
N GLU A 276 -16.88 4.67 26.19
CA GLU A 276 -16.81 6.13 25.98
C GLU A 276 -15.59 6.54 25.18
N LEU A 277 -14.58 5.69 25.15
CA LEU A 277 -13.48 5.85 24.22
C LEU A 277 -13.85 6.49 22.88
N HIS A 278 -13.14 7.56 22.54
CA HIS A 278 -13.19 8.16 21.21
CA HIS A 278 -13.20 8.15 21.20
C HIS A 278 -11.78 8.61 20.82
N LEU A 279 -11.51 8.65 19.52
CA LEU A 279 -10.24 9.17 19.04
C LEU A 279 -10.58 9.96 17.85
N ASN A 280 -10.07 11.17 17.76
CA ASN A 280 -10.19 11.95 16.55
C ASN A 280 -8.88 12.06 15.80
N SER A 281 -7.97 11.09 16.04
CA SER A 281 -6.69 10.99 15.33
C SER A 281 -6.31 9.56 15.14
N MET A 282 -5.40 9.29 14.22
CA MET A 282 -4.65 8.04 14.19
C MET A 282 -3.41 8.25 15.02
N VAL A 283 -3.28 7.46 16.07
CA VAL A 283 -2.18 7.63 17.00
C VAL A 283 -1.06 6.70 16.64
N PHE A 284 0.16 7.21 16.55
CA PHE A 284 1.35 6.46 16.16
C PHE A 284 2.42 6.56 17.21
N MET A 285 3.12 5.45 17.44
CA MET A 285 4.41 5.52 18.12
C MET A 285 5.38 6.20 17.20
N VAL A 286 6.48 6.71 17.79
CA VAL A 286 7.55 7.27 17.02
C VAL A 286 8.20 6.18 16.13
N PRO A 287 8.25 6.43 14.81
CA PRO A 287 8.53 5.33 13.92
C PRO A 287 9.96 4.95 13.90
N THR A 288 10.75 5.99 13.92
CA THR A 288 12.19 5.96 14.20
C THR A 288 12.68 5.02 15.32
N ILE A 289 11.85 4.84 16.34
CA ILE A 289 12.20 4.00 17.49
C ILE A 289 11.42 2.67 17.45
N HIS A 290 10.16 2.70 16.97
CA HIS A 290 9.23 1.58 17.16
C HIS A 290 8.79 0.85 15.86
N GLY A 291 9.36 1.29 14.75
CA GLY A 291 8.97 0.79 13.43
C GLY A 291 7.91 1.67 12.85
N LYS A 292 7.72 1.53 11.56
CA LYS A 292 6.69 2.22 10.81
C LYS A 292 5.27 1.77 11.14
N GLY A 293 4.41 2.75 11.20
CA GLY A 293 2.96 2.51 11.21
C GLY A 293 2.39 1.73 12.39
N VAL A 294 3.03 1.84 13.58
CA VAL A 294 2.51 1.24 14.81
C VAL A 294 1.39 2.10 15.39
N ILE A 295 0.15 1.66 15.26
CA ILE A 295 -0.93 2.50 15.62
C ILE A 295 -2.06 1.95 16.44
N VAL A 296 -2.82 2.89 16.95
CA VAL A 296 -4.21 2.71 17.34
C VAL A 296 -4.99 3.70 16.52
N SER A 297 -5.89 3.19 15.69
CA SER A 297 -6.68 4.06 14.85
C SER A 297 -8.14 3.67 14.87
N PRO A 298 -9.03 4.67 14.88
CA PRO A 298 -10.48 4.47 14.70
C PRO A 298 -10.76 4.10 13.25
N MET A 299 -11.56 3.10 13.00
CA MET A 299 -11.64 2.60 11.65
C MET A 299 -12.91 3.13 11.01
N LEU A 300 -12.99 2.98 9.69
CA LEU A 300 -14.17 3.40 8.98
C LEU A 300 -15.45 2.76 9.57
N ASP A 301 -15.36 1.49 10.01
CA ASP A 301 -16.53 0.77 10.55
C ASP A 301 -16.82 1.09 12.00
N GLY A 302 -16.08 2.01 12.60
CA GLY A 302 -16.30 2.41 13.98
C GLY A 302 -15.52 1.65 15.06
N ASN A 303 -14.91 0.52 14.68
CA ASN A 303 -13.99 -0.23 15.56
C ASN A 303 -12.57 0.41 15.60
N PHE A 304 -11.65 -0.20 16.37
CA PHE A 304 -10.31 0.35 16.56
C PHE A 304 -9.31 -0.66 16.11
N LEU A 305 -8.39 -0.24 15.24
CA LEU A 305 -7.29 -1.07 14.78
C LEU A 305 -6.04 -0.87 15.67
N VAL A 306 -5.39 -1.97 16.04
CA VAL A 306 -4.25 -1.93 16.92
C VAL A 306 -3.17 -2.80 16.34
N GLY A 307 -1.95 -2.26 16.26
CA GLY A 307 -0.85 -2.97 15.66
C GLY A 307 -0.09 -2.13 14.65
N PRO A 308 0.91 -2.74 14.00
CA PRO A 308 1.13 -4.17 14.05
C PRO A 308 2.35 -4.55 14.82
N THR A 309 2.51 -5.85 15.07
CA THR A 309 3.76 -6.42 15.50
C THR A 309 4.74 -6.37 14.36
N ALA A 310 5.95 -6.82 14.59
CA ALA A 310 6.97 -6.86 13.54
C ALA A 310 7.80 -8.15 13.66
N LEU A 311 7.94 -8.95 12.60
CA LEU A 311 8.83 -10.14 12.58
C LEU A 311 9.50 -10.20 11.20
N ASP A 312 10.84 -10.19 11.16
CA ASP A 312 11.58 -10.21 9.88
C ASP A 312 11.83 -11.60 9.38
N GLY A 313 11.82 -11.73 8.07
CA GLY A 313 12.35 -12.92 7.42
C GLY A 313 11.46 -14.12 7.29
N VAL A 314 10.16 -13.93 7.45
CA VAL A 314 9.26 -15.06 7.22
C VAL A 314 9.27 -15.44 5.75
N ASP A 315 8.94 -16.70 5.47
CA ASP A 315 8.82 -17.20 4.10
C ASP A 315 7.72 -16.41 3.38
N LYS A 316 7.86 -16.36 2.07
CA LYS A 316 6.96 -15.65 1.23
C LYS A 316 5.54 -16.20 1.37
N GLU A 317 5.45 -17.51 1.51
CA GLU A 317 4.19 -18.20 1.53
C GLU A 317 3.56 -17.99 2.92
N ALA A 318 4.35 -17.49 3.89
CA ALA A 318 3.85 -17.30 5.26
C ALA A 318 3.57 -15.87 5.56
N THR A 319 3.56 -15.02 4.53
CA THR A 319 3.49 -13.59 4.80
C THR A 319 2.21 -13.08 5.44
N ARG A 320 1.16 -13.88 5.43
CA ARG A 320 -0.08 -13.48 6.06
C ARG A 320 -0.55 -14.35 7.20
N TYR A 321 0.35 -15.17 7.73
CA TYR A 321 -0.02 -16.08 8.78
C TYR A 321 -0.12 -15.32 10.10
N ILE A 322 -1.16 -15.60 10.84
CA ILE A 322 -1.28 -15.09 12.17
C ILE A 322 -0.75 -16.16 13.13
N THR A 323 -0.32 -15.76 14.34
CA THR A 323 0.31 -16.71 15.29
C THR A 323 -0.29 -16.46 16.63
N LYS A 324 -0.05 -17.36 17.55
CA LYS A 324 -0.48 -17.14 18.93
C LYS A 324 0.53 -16.38 19.76
N ASP A 325 1.73 -16.19 19.27
CA ASP A 325 2.66 -15.24 19.89
C ASP A 325 2.22 -13.73 19.87
N ALA A 326 1.61 -13.27 18.78
CA ALA A 326 1.43 -11.84 18.53
C ALA A 326 0.45 -11.10 19.45
N PRO A 327 -0.72 -11.70 19.75
CA PRO A 327 -1.67 -11.04 20.66
C PRO A 327 -1.04 -10.38 21.91
N CYS A 328 -0.07 -11.03 22.55
CA CYS A 328 0.58 -10.50 23.73
C CYS A 328 1.36 -9.20 23.47
N MET A 329 2.12 -9.16 22.38
CA MET A 329 2.82 -7.93 21.96
C MET A 329 1.76 -6.86 21.66
N LEU A 330 0.66 -7.26 21.07
CA LEU A 330 -0.40 -6.34 20.69
C LEU A 330 -1.09 -5.67 21.87
N THR A 331 -1.34 -6.44 22.91
CA THR A 331 -1.80 -5.92 24.20
C THR A 331 -0.84 -4.87 24.73
N LYS A 332 0.46 -5.13 24.69
CA LYS A 332 1.40 -4.14 25.20
C LYS A 332 1.41 -2.88 24.31
N ILE A 333 1.45 -3.04 23.00
CA ILE A 333 1.40 -1.91 22.10
C ILE A 333 0.10 -1.07 22.24
N GLY A 334 -1.05 -1.71 22.23
CA GLY A 334 -2.26 -0.91 22.35
C GLY A 334 -2.36 -0.19 23.67
N LYS A 335 -2.10 -0.88 24.75
CA LYS A 335 -2.41 -0.30 26.04
C LYS A 335 -1.38 0.77 26.44
N HIS A 336 -0.16 0.65 25.95
CA HIS A 336 0.83 1.69 26.15
C HIS A 336 0.39 3.02 25.56
N MET A 337 -0.38 2.97 24.47
CA MET A 337 -0.82 4.15 23.74
C MET A 337 -2.18 4.67 24.20
N VAL A 338 -3.09 3.74 24.49
CA VAL A 338 -4.44 4.03 24.92
C VAL A 338 -4.72 3.09 26.07
N PRO A 339 -4.38 3.49 27.29
CA PRO A 339 -4.47 2.56 28.42
C PRO A 339 -5.85 2.01 28.71
N SER A 340 -6.93 2.73 28.39
CA SER A 340 -8.29 2.29 28.72
C SER A 340 -8.84 1.31 27.69
N LEU A 341 -8.02 0.98 26.70
CA LEU A 341 -8.36 0.01 25.67
C LEU A 341 -8.57 -1.39 26.23
N ASN A 342 -9.69 -2.02 25.91
CA ASN A 342 -9.89 -3.39 26.29
C ASN A 342 -9.72 -4.31 25.10
N ILE A 343 -8.63 -5.03 25.14
CA ILE A 343 -8.19 -5.85 24.07
C ILE A 343 -8.84 -7.19 24.08
N ASN A 344 -9.56 -7.56 25.12
CA ASN A 344 -10.36 -8.78 25.07
C ASN A 344 -11.59 -8.64 24.18
N ASN A 345 -11.97 -7.41 23.87
CA ASN A 345 -13.11 -7.16 23.02
C ASN A 345 -12.63 -7.20 21.59
N ALA A 346 -12.14 -8.35 21.18
CA ALA A 346 -11.44 -8.49 19.93
C ALA A 346 -12.36 -9.22 18.95
N LEU A 347 -12.40 -8.71 17.73
CA LEU A 347 -13.23 -9.22 16.64
C LEU A 347 -12.40 -10.06 15.63
N ILE A 348 -11.25 -9.57 15.22
CA ILE A 348 -10.42 -10.33 14.30
C ILE A 348 -8.93 -10.13 14.53
N SER A 349 -8.19 -11.10 14.03
CA SER A 349 -6.79 -11.04 13.96
C SER A 349 -6.47 -11.30 12.51
N PHE A 350 -5.55 -10.53 11.97
CA PHE A 350 -5.06 -10.75 10.61
C PHE A 350 -3.64 -10.25 10.51
N ALA A 351 -2.93 -10.64 9.46
CA ALA A 351 -1.56 -10.21 9.31
C ALA A 351 -1.18 -9.98 7.89
N GLY A 352 -0.19 -9.13 7.72
CA GLY A 352 0.40 -8.93 6.39
C GLY A 352 1.87 -8.64 6.49
N SER A 353 2.57 -8.72 5.36
CA SER A 353 3.99 -8.46 5.35
C SER A 353 4.40 -7.49 4.26
N ARG A 354 5.31 -6.59 4.63
CA ARG A 354 5.95 -5.66 3.76
C ARG A 354 7.00 -6.40 2.98
N PRO A 355 6.97 -6.27 1.64
CA PRO A 355 8.02 -6.79 0.78
C PRO A 355 9.10 -5.75 0.68
N ILE A 356 10.31 -6.13 1.04
CA ILE A 356 11.39 -5.19 1.24
C ILE A 356 12.59 -5.51 0.35
N ASP A 357 12.89 -4.62 -0.56
CA ASP A 357 14.08 -4.85 -1.36
C ASP A 357 15.35 -4.98 -0.49
N LYS A 358 16.04 -6.10 -0.62
CA LYS A 358 17.24 -6.38 0.14
C LYS A 358 18.31 -5.38 -0.13
N ALA A 359 18.50 -5.01 -1.39
CA ALA A 359 19.62 -4.14 -1.72
C ALA A 359 19.48 -2.71 -1.21
N THR A 360 18.31 -2.10 -1.40
CA THR A 360 18.15 -0.66 -1.13
C THR A 360 17.17 -0.27 -0.02
N ASN A 361 16.41 -1.25 0.47
CA ASN A 361 15.40 -0.96 1.42
C ASN A 361 14.50 0.15 0.89
N ASP A 362 14.29 0.20 -0.42
CA ASP A 362 13.46 1.24 -1.06
C ASP A 362 12.56 0.62 -2.11
N PHE A 363 11.65 1.40 -2.67
CA PHE A 363 10.74 0.94 -3.71
C PHE A 363 11.60 0.59 -4.94
N ILE A 364 11.16 -0.36 -5.78
CA ILE A 364 11.75 -0.61 -7.09
C ILE A 364 10.74 -0.26 -8.17
N ILE A 365 11.09 0.74 -8.98
CA ILE A 365 10.20 1.29 -9.98
C ILE A 365 11.04 1.62 -11.16
N ARG A 366 11.30 0.61 -11.97
CA ARG A 366 12.21 0.78 -13.05
C ARG A 366 12.08 -0.40 -13.98
N VAL A 367 12.73 -0.33 -15.16
CA VAL A 367 12.80 -1.52 -16.02
C VAL A 367 13.83 -2.42 -15.41
N ALA A 368 13.70 -3.71 -15.67
CA ALA A 368 14.70 -4.69 -15.29
C ALA A 368 16.02 -4.28 -15.87
N HIS A 369 17.08 -4.52 -15.11
CA HIS A 369 18.41 -4.17 -15.58
C HIS A 369 18.81 -4.92 -16.82
N ASN A 370 18.20 -6.08 -17.04
CA ASN A 370 18.55 -6.90 -18.15
C ASN A 370 17.44 -7.22 -19.11
N ASP A 371 16.43 -6.36 -19.13
CA ASP A 371 15.33 -6.51 -20.07
C ASP A 371 14.46 -5.26 -20.03
N PRO A 372 14.62 -4.38 -21.02
CA PRO A 372 13.95 -3.10 -21.08
C PRO A 372 12.46 -3.19 -21.32
N ASP A 373 11.97 -4.39 -21.57
CA ASP A 373 10.54 -4.61 -21.81
C ASP A 373 9.77 -5.20 -20.63
N PHE A 374 10.44 -5.34 -19.49
CA PHE A 374 9.85 -5.93 -18.26
C PHE A 374 9.94 -4.85 -17.19
N VAL A 375 8.80 -4.25 -16.81
CA VAL A 375 8.79 -3.16 -15.84
C VAL A 375 8.58 -3.73 -14.48
N ILE A 376 9.34 -3.23 -13.50
CA ILE A 376 9.27 -3.77 -12.16
C ILE A 376 8.72 -2.75 -11.18
N LEU A 377 7.62 -3.16 -10.55
CA LEU A 377 7.06 -2.44 -9.42
C LEU A 377 7.16 -3.36 -8.23
N GLY A 378 8.32 -3.32 -7.57
CA GLY A 378 8.60 -4.23 -6.45
C GLY A 378 9.11 -3.56 -5.16
N GLY A 379 9.39 -4.36 -4.14
CA GLY A 379 9.71 -3.78 -2.81
C GLY A 379 8.66 -2.81 -2.32
N MET A 380 7.38 -3.15 -2.56
CA MET A 380 6.25 -2.31 -2.27
C MET A 380 5.87 -2.32 -0.79
N LYS A 381 6.83 -1.83 -0.02
CA LYS A 381 6.64 -1.66 1.39
C LYS A 381 5.77 -0.42 1.60
N SER A 382 5.63 -0.04 2.86
CA SER A 382 4.92 1.19 3.23
C SER A 382 5.83 2.35 2.74
N PRO A 383 5.30 3.38 2.08
CA PRO A 383 3.87 3.66 1.92
C PRO A 383 3.35 3.43 0.48
N GLY A 384 3.49 2.21 -0.03
CA GLY A 384 3.07 1.85 -1.37
C GLY A 384 1.63 2.13 -1.70
N LEU A 385 0.72 2.00 -0.72
CA LEU A 385 -0.68 2.33 -0.91
C LEU A 385 -0.83 3.85 -1.23
N THR A 386 -0.26 4.69 -0.36
CA THR A 386 -0.32 6.13 -0.54
C THR A 386 0.34 6.54 -1.88
N ALA A 387 1.43 5.87 -2.20
CA ALA A 387 2.22 6.16 -3.36
C ALA A 387 1.67 5.60 -4.71
N ALA A 388 0.74 4.67 -4.64
CA ALA A 388 0.34 3.88 -5.74
C ALA A 388 0.09 4.59 -7.02
N PRO A 389 -0.71 5.65 -6.98
CA PRO A 389 -1.09 6.33 -8.23
C PRO A 389 0.08 6.88 -8.98
N ALA A 390 1.08 7.36 -8.26
CA ALA A 390 2.31 7.90 -8.86
C ALA A 390 3.22 6.79 -9.31
N ILE A 391 3.30 5.74 -8.51
CA ILE A 391 4.05 4.56 -8.90
C ILE A 391 3.60 4.04 -10.25
N VAL A 392 2.30 3.90 -10.44
CA VAL A 392 1.77 3.33 -11.68
C VAL A 392 1.79 4.27 -12.90
N ARG A 393 1.63 5.57 -12.71
CA ARG A 393 1.89 6.48 -13.82
C ARG A 393 3.31 6.38 -14.33
N GLU A 394 4.26 6.21 -13.42
CA GLU A 394 5.61 6.02 -13.84
C GLU A 394 5.72 4.69 -14.55
N ALA A 395 4.95 3.67 -14.12
CA ALA A 395 4.98 2.37 -14.83
C ALA A 395 4.59 2.55 -16.29
N VAL A 396 3.55 3.34 -16.53
CA VAL A 396 3.06 3.55 -17.87
C VAL A 396 4.14 4.20 -18.70
N ARG A 397 4.85 5.20 -18.16
CA ARG A 397 5.94 5.83 -18.92
C ARG A 397 7.12 4.90 -19.17
N LEU A 398 7.43 4.04 -18.24
CA LEU A 398 8.53 3.11 -18.42
C LEU A 398 8.31 2.08 -19.54
N LEU A 399 7.09 1.99 -20.06
CA LEU A 399 6.86 1.18 -21.26
C LEU A 399 7.48 1.85 -22.48
N ASN A 400 7.69 3.16 -22.41
CA ASN A 400 8.38 3.89 -23.44
C ASN A 400 7.71 3.78 -24.80
N TRP A 401 6.46 4.19 -24.86
CA TRP A 401 5.66 4.13 -26.05
C TRP A 401 5.00 5.46 -26.30
N LYS A 402 4.79 5.78 -27.56
CA LYS A 402 3.84 6.83 -27.89
C LYS A 402 2.45 6.19 -27.80
N LEU A 403 1.63 6.64 -26.86
CA LEU A 403 0.35 6.06 -26.55
C LEU A 403 -0.75 6.96 -27.02
N THR A 404 -1.88 6.40 -27.40
CA THR A 404 -2.95 7.17 -27.91
C THR A 404 -4.13 7.03 -26.93
N LYS A 405 -4.65 8.16 -26.48
CA LYS A 405 -5.80 8.21 -25.61
C LYS A 405 -7.07 7.92 -26.37
N LYS A 406 -7.96 7.17 -25.72
CA LYS A 406 -9.37 7.06 -26.09
C LYS A 406 -10.02 8.41 -25.79
N PRO A 407 -10.72 9.02 -26.74
CA PRO A 407 -11.27 10.38 -26.49
C PRO A 407 -12.46 10.45 -25.50
N ASN A 408 -13.12 9.30 -25.35
CA ASN A 408 -14.33 9.05 -24.58
C ASN A 408 -14.11 8.42 -23.15
N TRP A 409 -12.89 8.52 -22.63
N TRP A 409 -12.86 8.18 -22.76
CA TRP A 409 -12.56 8.13 -21.26
CA TRP A 409 -12.57 7.25 -21.65
C TRP A 409 -12.69 9.35 -20.30
C TRP A 409 -13.48 7.45 -20.44
N ASN A 410 -13.28 9.15 -19.11
N ASN A 410 -13.95 6.38 -19.82
CA ASN A 410 -13.37 10.18 -18.06
CA ASN A 410 -14.80 6.55 -18.67
C ASN A 410 -12.88 9.64 -16.73
C ASN A 410 -14.10 6.03 -17.42
N GLY A 411 -12.89 8.31 -16.64
N GLY A 411 -13.40 6.95 -16.76
CA GLY A 411 -12.32 7.58 -15.49
CA GLY A 411 -12.60 6.65 -15.58
C GLY A 411 -13.18 7.35 -14.26
C GLY A 411 -13.24 7.10 -14.28
N LYS A 412 -14.50 7.47 -14.36
CA LYS A 412 -15.33 7.54 -13.15
C LYS A 412 -15.93 6.21 -12.86
N TYR A 413 -15.91 5.84 -11.57
CA TYR A 413 -16.57 4.62 -11.14
C TYR A 413 -16.96 4.77 -9.67
N ASN A 414 -18.22 4.50 -9.37
CA ASN A 414 -18.69 4.55 -8.02
C ASN A 414 -18.94 3.15 -7.58
N LEU A 415 -18.10 2.59 -6.72
CA LEU A 415 -18.31 1.22 -6.22
C LEU A 415 -19.54 1.16 -5.32
N PRO A 416 -20.59 0.39 -5.71
CA PRO A 416 -21.73 0.34 -4.84
C PRO A 416 -21.35 -0.34 -3.55
N TRP A 417 -21.62 0.34 -2.44
CA TRP A 417 -21.31 -0.20 -1.15
C TRP A 417 -22.24 0.40 -0.10
N ILE A 418 -22.54 -0.39 0.93
CA ILE A 418 -23.38 0.04 2.02
C ILE A 418 -23.16 -0.88 3.24
#